data_3F7G
#
_entry.id   3F7G
#
_cell.length_a   84.016
_cell.length_b   84.016
_cell.length_c   94.476
_cell.angle_alpha   90.00
_cell.angle_beta   90.00
_cell.angle_gamma   120.00
#
_symmetry.space_group_name_H-M   'P 32'
#
loop_
_entity.id
_entity.type
_entity.pdbx_description
1 polymer 'Baculoviral IAP repeat-containing protein 7'
2 non-polymer 'ZINC ION'
3 non-polymer 3,6,9,12,15,18-HEXAOXAICOSANE-1,20-DIOL
4 non-polymer L-alanyl-L-valyl-N-(2,2-diphenylethyl)-L-prolinamide
5 water water
#
_entity_poly.entity_id   1
_entity_poly.type   'polypeptide(L)'
_entity_poly.pdbx_seq_one_letter_code
;MGSSHHHHHHSSGEVPRGSHMLETEEEEEEGAGATLSRGPAFPGMGSEELRLASFYDWPLTAEVPPELLAAAGFFHTGHQ
DKVRCFFCYGGLQSWKRGDDPWTEHAKWFPSCQFLLRSKGRDFVHSVQETHSQLLGSWDP
;
_entity_poly.pdbx_strand_id   A,B,C,D,E
#
loop_
_chem_comp.id
_chem_comp.type
_chem_comp.name
_chem_comp.formula
389 non-polymer L-alanyl-L-valyl-N-(2,2-diphenylethyl)-L-prolinamide 'C27 H36 N4 O3'
P33 non-polymer 3,6,9,12,15,18-HEXAOXAICOSANE-1,20-DIOL 'C14 H30 O8'
ZN non-polymer 'ZINC ION' 'Zn 2'
#
# COMPACT_ATOMS: atom_id res chain seq x y z
N ALA A 32 -0.47 -17.58 -22.50
CA ALA A 32 -0.77 -17.22 -21.09
C ALA A 32 -0.09 -15.93 -20.70
N GLY A 33 -0.38 -15.45 -19.49
CA GLY A 33 0.27 -14.27 -18.92
C GLY A 33 -0.71 -13.22 -18.43
N ALA A 34 -0.78 -13.05 -17.11
CA ALA A 34 -1.57 -11.97 -16.49
C ALA A 34 -0.97 -10.63 -16.87
N THR A 35 -1.81 -9.60 -16.83
CA THR A 35 -1.39 -8.24 -17.17
C THR A 35 -1.32 -7.36 -15.92
N LEU A 36 -0.33 -6.47 -15.91
CA LEU A 36 -0.19 -5.46 -14.87
C LEU A 36 -1.39 -4.48 -14.94
N SER A 37 -2.02 -4.19 -13.82
CA SER A 37 -3.16 -3.24 -13.79
C SER A 37 -2.68 -1.83 -14.03
N ARG A 38 -3.53 -0.99 -14.62
CA ARG A 38 -3.16 0.36 -15.01
C ARG A 38 -3.50 1.44 -13.98
N GLY A 39 -4.37 1.11 -13.02
CA GLY A 39 -4.83 2.08 -12.03
C GLY A 39 -3.76 2.38 -10.98
N PRO A 40 -3.47 3.67 -10.73
CA PRO A 40 -2.57 4.03 -9.63
C PRO A 40 -3.07 3.57 -8.27
N ALA A 41 -2.16 3.15 -7.40
CA ALA A 41 -2.48 2.80 -6.02
C ALA A 41 -3.15 3.99 -5.28
N PHE A 42 -2.66 5.21 -5.55
CA PHE A 42 -3.18 6.43 -4.95
C PHE A 42 -3.29 7.51 -6.04
N PRO A 43 -4.40 7.49 -6.81
CA PRO A 43 -4.59 8.48 -7.89
C PRO A 43 -4.48 9.95 -7.46
N GLY A 44 -4.93 10.27 -6.25
CA GLY A 44 -4.83 11.62 -5.72
C GLY A 44 -3.41 12.15 -5.63
N MET A 45 -2.46 11.27 -5.33
CA MET A 45 -1.05 11.64 -5.28
C MET A 45 -0.36 11.58 -6.65
N GLY A 46 -1.15 11.48 -7.73
CA GLY A 46 -0.63 11.54 -9.09
C GLY A 46 -0.06 12.89 -9.48
N SER A 47 -0.47 13.94 -8.76
CA SER A 47 0.07 15.28 -8.96
C SER A 47 1.38 15.44 -8.19
N GLU A 48 2.45 15.76 -8.92
CA GLU A 48 3.75 16.05 -8.31
C GLU A 48 3.66 17.18 -7.29
N GLU A 49 2.89 18.21 -7.63
CA GLU A 49 2.65 19.34 -6.74
C GLU A 49 2.13 18.88 -5.38
N LEU A 50 1.14 17.99 -5.40
CA LEU A 50 0.57 17.45 -4.17
C LEU A 50 1.57 16.51 -3.47
N ARG A 51 2.34 15.74 -4.24
CA ARG A 51 3.40 14.91 -3.66
C ARG A 51 4.41 15.76 -2.90
N LEU A 52 4.79 16.90 -3.48
CA LEU A 52 5.71 17.83 -2.80
C LEU A 52 5.16 18.37 -1.47
N ALA A 53 3.85 18.62 -1.42
CA ALA A 53 3.21 19.12 -0.20
C ALA A 53 3.37 18.15 0.97
N SER A 54 3.34 16.85 0.69
CA SER A 54 3.46 15.82 1.73
C SER A 54 4.82 15.85 2.45
N PHE A 55 5.83 16.44 1.80
CA PHE A 55 7.16 16.57 2.37
C PHE A 55 7.34 17.84 3.20
N TYR A 56 6.23 18.44 3.64
CA TYR A 56 6.30 19.63 4.49
C TYR A 56 7.01 19.35 5.83
N ASP A 57 6.92 18.10 6.29
CA ASP A 57 7.59 17.66 7.50
C ASP A 57 8.68 16.62 7.23
N TRP A 58 9.27 16.65 6.04
CA TRP A 58 10.38 15.77 5.69
C TRP A 58 11.60 16.14 6.57
N PRO A 59 12.11 15.16 7.36
CA PRO A 59 13.00 15.46 8.50
C PRO A 59 14.31 16.21 8.18
N LEU A 60 14.83 16.88 9.22
CA LEU A 60 16.10 17.61 9.12
C LEU A 60 17.27 16.64 8.95
N THR A 61 17.20 15.50 9.66
CA THR A 61 18.22 14.46 9.56
C THR A 61 18.08 13.63 8.27
N ALA A 62 17.02 13.86 7.49
CA ALA A 62 16.91 13.31 6.15
C ALA A 62 17.97 13.95 5.25
N GLU A 63 18.44 13.19 4.26
CA GLU A 63 19.58 13.60 3.45
C GLU A 63 19.30 13.72 1.95
N VAL A 64 18.08 13.40 1.52
CA VAL A 64 17.68 13.48 0.12
C VAL A 64 16.59 14.54 -0.09
N PRO A 65 16.71 15.36 -1.14
CA PRO A 65 15.76 16.48 -1.30
C PRO A 65 14.37 16.02 -1.74
N PRO A 66 13.31 16.53 -1.08
CA PRO A 66 11.92 16.23 -1.44
C PRO A 66 11.58 16.37 -2.93
N GLU A 67 12.18 17.36 -3.60
CA GLU A 67 11.87 17.65 -4.99
C GLU A 67 12.22 16.46 -5.88
N LEU A 68 13.41 15.89 -5.67
CA LEU A 68 13.85 14.70 -6.40
C LEU A 68 12.92 13.54 -6.10
N LEU A 69 12.64 13.34 -4.82
CA LEU A 69 11.73 12.28 -4.38
C LEU A 69 10.34 12.44 -5.01
N ALA A 70 9.77 13.65 -4.90
CA ALA A 70 8.44 13.95 -5.46
C ALA A 70 8.44 13.82 -6.98
N ALA A 71 9.53 14.25 -7.62
CA ALA A 71 9.66 14.10 -9.07
C ALA A 71 9.57 12.63 -9.49
N ALA A 72 10.19 11.75 -8.70
CA ALA A 72 10.28 10.32 -9.02
C ALA A 72 9.09 9.49 -8.53
N GLY A 73 7.97 10.16 -8.25
CA GLY A 73 6.69 9.50 -7.98
C GLY A 73 6.39 9.27 -6.50
N PHE A 74 7.36 9.56 -5.63
CA PHE A 74 7.22 9.29 -4.20
C PHE A 74 6.54 10.43 -3.45
N PHE A 75 5.71 10.05 -2.49
CA PHE A 75 5.15 10.99 -1.53
C PHE A 75 5.47 10.50 -0.12
N HIS A 76 5.47 11.43 0.84
CA HIS A 76 5.86 11.15 2.20
C HIS A 76 4.69 10.55 3.01
N THR A 77 5.00 9.51 3.78
CA THR A 77 4.07 8.90 4.73
C THR A 77 4.74 8.84 6.10
N GLY A 78 3.96 8.93 7.16
CA GLY A 78 4.50 8.92 8.52
C GLY A 78 5.20 10.21 8.88
N HIS A 79 5.97 10.19 9.96
CA HIS A 79 6.73 11.35 10.41
C HIS A 79 8.25 11.17 10.36
N GLN A 80 8.70 9.99 9.94
CA GLN A 80 10.13 9.71 9.74
C GLN A 80 10.47 9.90 8.25
N ASP A 81 11.20 8.97 7.62
CA ASP A 81 11.63 9.15 6.23
C ASP A 81 11.06 8.10 5.26
N LYS A 82 9.86 7.62 5.56
CA LYS A 82 9.21 6.62 4.72
C LYS A 82 8.48 7.29 3.56
N VAL A 83 8.63 6.73 2.37
CA VAL A 83 7.93 7.21 1.18
C VAL A 83 7.27 6.04 0.46
N ARG A 84 6.21 6.33 -0.29
CA ARG A 84 5.59 5.34 -1.17
C ARG A 84 5.35 5.95 -2.55
N CYS A 85 5.47 5.14 -3.60
CA CYS A 85 5.15 5.62 -4.94
C CYS A 85 3.63 5.67 -5.10
N PHE A 86 3.13 6.77 -5.67
CA PHE A 86 1.69 6.96 -5.86
C PHE A 86 1.06 5.89 -6.76
N PHE A 87 1.87 5.29 -7.63
CA PHE A 87 1.37 4.34 -8.63
C PHE A 87 1.54 2.88 -8.23
N CYS A 88 2.78 2.44 -8.02
CA CYS A 88 3.06 1.05 -7.63
C CYS A 88 3.05 0.85 -6.11
N TYR A 89 2.93 1.93 -5.35
CA TYR A 89 2.95 1.88 -3.88
C TYR A 89 4.22 1.24 -3.29
N GLY A 90 5.31 1.29 -4.04
CA GLY A 90 6.59 0.79 -3.54
C GLY A 90 7.00 1.63 -2.35
N GLY A 91 7.33 0.97 -1.24
CA GLY A 91 7.71 1.65 -0.01
C GLY A 91 9.22 1.64 0.21
N LEU A 92 9.79 2.83 0.41
CA LEU A 92 11.22 2.98 0.69
C LEU A 92 11.49 3.91 1.87
N GLN A 93 12.58 3.62 2.59
CA GLN A 93 13.00 4.41 3.75
C GLN A 93 14.53 4.31 3.92
N SER A 94 15.05 4.85 5.02
CA SER A 94 16.49 4.88 5.29
C SER A 94 17.30 5.56 4.18
N TRP A 95 16.79 6.71 3.73
CA TRP A 95 17.43 7.49 2.67
C TRP A 95 18.71 8.18 3.15
N LYS A 96 19.71 8.24 2.26
CA LYS A 96 21.02 8.83 2.58
C LYS A 96 21.51 9.74 1.45
N ARG A 97 22.52 10.54 1.75
CA ARG A 97 23.15 11.44 0.78
C ARG A 97 23.72 10.66 -0.40
N GLY A 98 23.20 10.94 -1.60
CA GLY A 98 23.70 10.31 -2.82
C GLY A 98 22.72 9.34 -3.45
N ASP A 99 21.72 8.90 -2.68
CA ASP A 99 20.67 8.01 -3.21
C ASP A 99 19.90 8.73 -4.30
N ASP A 100 19.82 8.10 -5.48
CA ASP A 100 19.01 8.62 -6.58
C ASP A 100 17.62 7.97 -6.54
N PRO A 101 16.55 8.78 -6.33
CA PRO A 101 15.19 8.25 -6.24
C PRO A 101 14.74 7.46 -7.46
N TRP A 102 15.09 7.95 -8.65
CA TRP A 102 14.81 7.22 -9.89
C TRP A 102 15.54 5.87 -9.96
N THR A 103 16.77 5.82 -9.45
CA THR A 103 17.55 4.58 -9.45
C THR A 103 16.99 3.58 -8.45
N GLU A 104 16.65 4.05 -7.24
CA GLU A 104 16.02 3.20 -6.22
C GLU A 104 14.66 2.67 -6.69
N HIS A 105 13.88 3.55 -7.31
CA HIS A 105 12.61 3.18 -7.91
C HIS A 105 12.78 2.01 -8.88
N ALA A 106 13.80 2.08 -9.74
CA ALA A 106 14.06 1.07 -10.77
C ALA A 106 14.66 -0.21 -10.18
N LYS A 107 15.48 -0.04 -9.16
CA LYS A 107 16.07 -1.15 -8.40
C LYS A 107 15.01 -2.05 -7.77
N TRP A 108 14.04 -1.43 -7.09
CA TRP A 108 13.08 -2.17 -6.25
C TRP A 108 11.74 -2.46 -6.93
N PHE A 109 11.26 -1.53 -7.75
CA PHE A 109 9.92 -1.65 -8.34
C PHE A 109 9.96 -1.50 -9.88
N PRO A 110 10.69 -2.41 -10.56
CA PRO A 110 10.97 -2.28 -11.99
C PRO A 110 9.75 -2.28 -12.93
N SER A 111 8.67 -2.95 -12.52
CA SER A 111 7.47 -3.04 -13.37
C SER A 111 6.52 -1.85 -13.22
N CYS A 112 6.85 -0.90 -12.34
CA CYS A 112 6.03 0.31 -12.16
C CYS A 112 5.82 1.06 -13.47
N GLN A 113 4.56 1.30 -13.81
CA GLN A 113 4.24 1.92 -15.11
C GLN A 113 4.56 3.41 -15.15
N PHE A 114 4.40 4.10 -14.02
CA PHE A 114 4.87 5.49 -13.89
C PHE A 114 6.38 5.60 -14.14
N LEU A 115 7.16 4.71 -13.53
CA LEU A 115 8.61 4.70 -13.68
C LEU A 115 9.01 4.48 -15.13
N LEU A 116 8.34 3.54 -15.78
CA LEU A 116 8.70 3.15 -17.14
C LEU A 116 8.35 4.23 -18.17
N ARG A 117 7.21 4.90 -17.99
CA ARG A 117 6.80 6.02 -18.86
C ARG A 117 7.67 7.26 -18.66
N SER A 118 8.18 7.45 -17.43
CA SER A 118 9.00 8.60 -17.10
C SER A 118 10.44 8.44 -17.58
N LYS A 119 11.07 7.33 -17.19
CA LYS A 119 12.50 7.11 -17.43
C LYS A 119 12.83 6.21 -18.63
N GLY A 120 11.91 5.31 -18.98
CA GLY A 120 12.06 4.46 -20.17
C GLY A 120 12.51 3.04 -19.88
N ARG A 121 12.27 2.16 -20.84
CA ARG A 121 12.60 0.74 -20.73
C ARG A 121 14.11 0.52 -20.52
N ASP A 122 14.92 1.21 -21.32
CA ASP A 122 16.37 1.06 -21.28
C ASP A 122 16.98 1.45 -19.93
N PHE A 123 16.45 2.52 -19.33
CA PHE A 123 16.91 2.95 -18.00
C PHE A 123 16.68 1.89 -16.93
N VAL A 124 15.49 1.30 -16.92
CA VAL A 124 15.11 0.32 -15.88
C VAL A 124 15.92 -0.96 -16.04
N HIS A 125 16.05 -1.42 -17.28
CA HIS A 125 16.85 -2.59 -17.62
C HIS A 125 18.29 -2.43 -17.13
N SER A 126 18.82 -1.21 -17.28
CA SER A 126 20.18 -0.87 -16.88
C SER A 126 20.41 -1.02 -15.36
N VAL A 127 19.45 -0.52 -14.58
CA VAL A 127 19.53 -0.60 -13.11
C VAL A 127 19.40 -2.05 -12.62
N GLN A 128 18.53 -2.82 -13.26
CA GLN A 128 18.29 -4.22 -12.88
C GLN A 128 19.49 -5.14 -13.16
N GLU A 129 20.10 -4.98 -14.33
CA GLU A 129 21.27 -5.80 -14.68
C GLU A 129 22.39 -5.59 -13.65
N THR A 130 22.81 -4.34 -13.51
CA THR A 130 23.89 -4.00 -12.56
C THR A 130 23.33 -3.75 -11.16
N ALA B 32 -27.36 28.44 -5.96
CA ALA B 32 -26.28 27.42 -5.83
C ALA B 32 -25.40 27.38 -7.08
N GLY B 33 -24.16 26.96 -6.92
CA GLY B 33 -23.22 26.82 -8.04
C GLY B 33 -22.33 25.59 -7.92
N ALA B 34 -21.48 25.57 -6.89
CA ALA B 34 -20.50 24.49 -6.71
C ALA B 34 -21.20 23.16 -6.44
N THR B 35 -20.64 22.11 -7.04
CA THR B 35 -21.23 20.78 -7.00
C THR B 35 -20.29 19.84 -6.24
N LEU B 36 -20.87 18.93 -5.47
CA LEU B 36 -20.16 17.82 -4.84
C LEU B 36 -19.45 16.98 -5.91
N SER B 37 -18.15 16.80 -5.77
CA SER B 37 -17.41 15.88 -6.66
C SER B 37 -17.84 14.43 -6.38
N ARG B 38 -17.81 13.59 -7.41
CA ARG B 38 -18.34 12.22 -7.31
C ARG B 38 -17.33 11.14 -6.91
N GLY B 39 -16.04 11.48 -6.91
CA GLY B 39 -14.99 10.49 -6.63
C GLY B 39 -14.92 10.16 -5.15
N PRO B 40 -14.93 8.86 -4.79
CA PRO B 40 -14.67 8.53 -3.39
C PRO B 40 -13.25 8.93 -2.98
N ALA B 41 -13.06 9.28 -1.71
CA ALA B 41 -11.75 9.65 -1.18
C ALA B 41 -10.74 8.52 -1.34
N PHE B 42 -11.19 7.29 -1.07
CA PHE B 42 -10.35 6.10 -1.13
C PHE B 42 -11.11 5.00 -1.91
N PRO B 43 -11.08 5.08 -3.25
CA PRO B 43 -11.85 4.13 -4.07
C PRO B 43 -11.57 2.65 -3.77
N GLY B 44 -10.31 2.33 -3.47
CA GLY B 44 -9.94 0.96 -3.08
C GLY B 44 -10.75 0.36 -1.94
N MET B 45 -11.18 1.19 -0.99
CA MET B 45 -11.93 0.72 0.17
C MET B 45 -13.44 0.76 -0.06
N GLY B 46 -13.86 0.87 -1.33
CA GLY B 46 -15.26 0.84 -1.71
C GLY B 46 -15.95 -0.51 -1.55
N SER B 47 -15.16 -1.57 -1.35
CA SER B 47 -15.70 -2.90 -1.06
C SER B 47 -15.82 -3.15 0.44
N GLU B 48 -17.00 -3.62 0.88
CA GLU B 48 -17.27 -3.84 2.30
C GLU B 48 -16.36 -4.92 2.93
N GLU B 49 -16.07 -5.99 2.21
CA GLU B 49 -15.19 -7.04 2.75
C GLU B 49 -13.79 -6.48 2.96
N LEU B 50 -13.37 -5.55 2.11
CA LEU B 50 -12.07 -4.92 2.26
C LEU B 50 -12.07 -4.03 3.48
N ARG B 51 -13.12 -3.23 3.65
CA ARG B 51 -13.24 -2.43 4.85
C ARG B 51 -13.25 -3.34 6.08
N LEU B 52 -13.94 -4.47 5.97
CA LEU B 52 -14.07 -5.38 7.09
C LEU B 52 -12.68 -5.91 7.48
N ALA B 53 -11.88 -6.29 6.50
CA ALA B 53 -10.52 -6.78 6.74
C ALA B 53 -9.65 -5.79 7.54
N SER B 54 -9.91 -4.50 7.40
CA SER B 54 -9.12 -3.46 8.10
C SER B 54 -9.33 -3.49 9.62
N PHE B 55 -10.40 -4.14 10.07
CA PHE B 55 -10.71 -4.26 11.49
C PHE B 55 -10.13 -5.51 12.16
N TYR B 56 -9.13 -6.11 11.53
CA TYR B 56 -8.46 -7.31 12.08
C TYR B 56 -7.81 -7.01 13.43
N ASP B 57 -7.43 -5.75 13.65
CA ASP B 57 -6.80 -5.31 14.90
C ASP B 57 -7.67 -4.28 15.65
N TRP B 58 -8.98 -4.32 15.40
CA TRP B 58 -9.92 -3.43 16.08
C TRP B 58 -9.87 -3.73 17.57
N PRO B 59 -9.80 -2.68 18.42
CA PRO B 59 -9.63 -2.96 19.85
C PRO B 59 -10.82 -3.66 20.51
N LEU B 60 -10.51 -4.67 21.34
CA LEU B 60 -11.50 -5.38 22.14
C LEU B 60 -12.33 -4.41 22.98
N THR B 61 -11.67 -3.41 23.55
CA THR B 61 -12.30 -2.41 24.40
C THR B 61 -13.25 -1.44 23.67
N ALA B 62 -13.12 -1.35 22.34
CA ALA B 62 -14.06 -0.57 21.53
C ALA B 62 -15.30 -1.43 21.26
N GLU B 63 -16.44 -1.02 21.83
CA GLU B 63 -17.63 -1.88 21.91
C GLU B 63 -18.67 -1.56 20.83
N VAL B 64 -18.18 -1.43 19.59
CA VAL B 64 -19.02 -1.33 18.40
C VAL B 64 -18.47 -2.34 17.39
N PRO B 65 -19.30 -3.29 16.91
CA PRO B 65 -18.80 -4.34 16.00
C PRO B 65 -18.29 -3.83 14.64
N PRO B 66 -17.13 -4.36 14.18
CA PRO B 66 -16.61 -3.97 12.86
C PRO B 66 -17.61 -4.13 11.71
N GLU B 67 -18.44 -5.16 11.82
CA GLU B 67 -19.45 -5.48 10.82
C GLU B 67 -20.33 -4.26 10.54
N LEU B 68 -20.82 -3.61 11.61
CA LEU B 68 -21.68 -2.43 11.46
C LEU B 68 -20.90 -1.24 10.91
N LEU B 69 -19.69 -1.04 11.40
CA LEU B 69 -18.86 0.06 10.94
C LEU B 69 -18.54 -0.08 9.45
N ALA B 70 -18.17 -1.29 9.03
CA ALA B 70 -17.81 -1.56 7.64
C ALA B 70 -19.03 -1.38 6.73
N ALA B 71 -20.19 -1.88 7.14
CA ALA B 71 -21.43 -1.70 6.37
C ALA B 71 -21.74 -0.21 6.18
N ALA B 72 -21.39 0.60 7.20
CA ALA B 72 -21.64 2.03 7.19
C ALA B 72 -20.55 2.84 6.47
N GLY B 73 -19.66 2.15 5.76
CA GLY B 73 -18.68 2.83 4.91
C GLY B 73 -17.32 3.06 5.54
N PHE B 74 -17.18 2.71 6.81
CA PHE B 74 -15.96 3.00 7.56
C PHE B 74 -14.92 1.90 7.49
N PHE B 75 -13.66 2.32 7.49
CA PHE B 75 -12.54 1.38 7.63
C PHE B 75 -11.61 1.88 8.71
N HIS B 76 -10.89 0.95 9.33
CA HIS B 76 -10.01 1.25 10.45
C HIS B 76 -8.72 1.90 9.94
N THR B 77 -8.32 2.99 10.61
CA THR B 77 -7.02 3.60 10.39
C THR B 77 -6.30 3.60 11.74
N GLY B 78 -4.99 3.38 11.73
CA GLY B 78 -4.21 3.34 12.97
C GLY B 78 -4.47 2.08 13.77
N HIS B 79 -4.09 2.11 15.05
CA HIS B 79 -4.19 0.97 15.95
C HIS B 79 -5.04 1.24 17.18
N GLN B 80 -5.80 2.34 17.16
CA GLN B 80 -6.73 2.67 18.23
C GLN B 80 -8.15 2.50 17.65
N ASP B 81 -9.10 3.36 17.96
CA ASP B 81 -10.46 3.20 17.42
C ASP B 81 -10.86 4.22 16.36
N LYS B 82 -9.88 4.76 15.63
CA LYS B 82 -10.18 5.76 14.61
C LYS B 82 -10.69 5.05 13.35
N VAL B 83 -11.71 5.63 12.73
CA VAL B 83 -12.17 5.16 11.43
C VAL B 83 -12.32 6.32 10.45
N ARG B 84 -12.35 5.97 9.18
CA ARG B 84 -12.60 6.91 8.09
C ARG B 84 -13.59 6.28 7.14
N CYS B 85 -14.50 7.10 6.61
CA CYS B 85 -15.36 6.65 5.54
C CYS B 85 -14.59 6.67 4.23
N PHE B 86 -14.68 5.58 3.46
CA PHE B 86 -13.96 5.46 2.20
C PHE B 86 -14.41 6.54 1.21
N PHE B 87 -15.66 6.98 1.34
CA PHE B 87 -16.19 7.95 0.39
C PHE B 87 -15.91 9.41 0.76
N CYS B 88 -16.46 9.87 1.89
CA CYS B 88 -16.32 11.29 2.28
C CYS B 88 -15.05 11.54 3.12
N TYR B 89 -14.45 10.45 3.61
CA TYR B 89 -13.25 10.53 4.43
C TYR B 89 -13.49 11.14 5.80
N GLY B 90 -14.75 11.14 6.24
CA GLY B 90 -15.12 11.61 7.57
C GLY B 90 -14.48 10.72 8.60
N GLY B 91 -13.87 11.32 9.61
CA GLY B 91 -13.13 10.59 10.63
C GLY B 91 -13.82 10.64 11.97
N LEU B 92 -13.99 9.48 12.59
CA LEU B 92 -14.62 9.38 13.91
C LEU B 92 -13.87 8.41 14.83
N GLN B 93 -13.97 8.66 16.12
CA GLN B 93 -13.32 7.85 17.12
C GLN B 93 -14.08 7.96 18.44
N SER B 94 -13.52 7.40 19.50
CA SER B 94 -14.18 7.31 20.81
C SER B 94 -15.53 6.60 20.73
N TRP B 95 -15.56 5.52 19.95
CA TRP B 95 -16.75 4.70 19.81
C TRP B 95 -17.10 4.03 21.14
N LYS B 96 -18.34 4.21 21.57
CA LYS B 96 -18.84 3.63 22.82
C LYS B 96 -20.00 2.70 22.51
N ARG B 97 -20.23 1.76 23.41
CA ARG B 97 -21.35 0.82 23.33
C ARG B 97 -22.66 1.52 22.96
N GLY B 98 -23.31 1.03 21.91
CA GLY B 98 -24.60 1.56 21.49
C GLY B 98 -24.58 2.68 20.47
N ASP B 99 -23.40 3.22 20.15
CA ASP B 99 -23.31 4.20 19.06
C ASP B 99 -23.60 3.46 17.76
N ASP B 100 -24.51 4.02 16.95
CA ASP B 100 -24.88 3.43 15.68
C ASP B 100 -24.10 4.10 14.55
N PRO B 101 -23.19 3.36 13.90
CA PRO B 101 -22.40 3.93 12.81
C PRO B 101 -23.18 4.75 11.75
N TRP B 102 -24.30 4.22 11.26
CA TRP B 102 -25.10 4.97 10.27
C TRP B 102 -25.58 6.31 10.84
N THR B 103 -26.08 6.29 12.07
CA THR B 103 -26.55 7.50 12.73
C THR B 103 -25.43 8.55 12.86
N GLU B 104 -24.24 8.09 13.26
CA GLU B 104 -23.08 8.98 13.40
C GLU B 104 -22.64 9.52 12.04
N HIS B 105 -22.68 8.66 11.03
CA HIS B 105 -22.34 9.06 9.66
C HIS B 105 -23.22 10.24 9.23
N ALA B 106 -24.53 10.08 9.39
CA ALA B 106 -25.52 11.10 9.04
C ALA B 106 -25.42 12.37 9.89
N LYS B 107 -25.11 12.19 11.17
CA LYS B 107 -24.92 13.31 12.09
C LYS B 107 -23.75 14.23 11.69
N TRP B 108 -22.61 13.62 11.33
CA TRP B 108 -21.39 14.37 11.12
C TRP B 108 -21.12 14.69 9.64
N PHE B 109 -21.53 13.80 8.75
CA PHE B 109 -21.16 13.89 7.33
C PHE B 109 -22.38 13.76 6.39
N PRO B 110 -23.35 14.67 6.53
CA PRO B 110 -24.65 14.56 5.85
C PRO B 110 -24.64 14.59 4.31
N SER B 111 -23.62 15.19 3.70
CA SER B 111 -23.58 15.27 2.24
C SER B 111 -22.81 14.08 1.59
N CYS B 112 -22.35 13.14 2.40
CA CYS B 112 -21.68 11.94 1.90
C CYS B 112 -22.56 11.16 0.95
N GLN B 113 -22.08 10.95 -0.27
CA GLN B 113 -22.89 10.30 -1.32
C GLN B 113 -23.14 8.82 -1.07
N PHE B 114 -22.16 8.14 -0.48
CA PHE B 114 -22.32 6.74 -0.08
C PHE B 114 -23.42 6.58 0.97
N LEU B 115 -23.37 7.43 1.99
CA LEU B 115 -24.39 7.50 3.03
C LEU B 115 -25.78 7.71 2.43
N LEU B 116 -25.89 8.72 1.57
CA LEU B 116 -27.16 9.11 0.98
C LEU B 116 -27.75 8.03 0.07
N ARG B 117 -26.89 7.40 -0.72
CA ARG B 117 -27.25 6.27 -1.57
C ARG B 117 -27.73 5.09 -0.72
N SER B 118 -27.05 4.84 0.40
CA SER B 118 -27.33 3.66 1.23
C SER B 118 -28.58 3.86 2.10
N LYS B 119 -28.68 5.03 2.72
CA LYS B 119 -29.71 5.29 3.73
C LYS B 119 -30.85 6.20 3.26
N GLY B 120 -30.62 6.99 2.22
CA GLY B 120 -31.64 7.91 1.68
C GLY B 120 -31.57 9.30 2.31
N ARG B 121 -32.16 10.26 1.61
CA ARG B 121 -32.24 11.65 2.08
C ARG B 121 -33.02 11.78 3.40
N ASP B 122 -34.13 11.06 3.50
CA ASP B 122 -35.02 11.17 4.64
C ASP B 122 -34.31 10.80 5.95
N PHE B 123 -33.55 9.71 5.92
CA PHE B 123 -32.73 9.30 7.06
C PHE B 123 -31.79 10.40 7.51
N VAL B 124 -31.00 10.92 6.58
CA VAL B 124 -30.00 11.93 6.88
C VAL B 124 -30.66 13.19 7.41
N HIS B 125 -31.71 13.62 6.72
CA HIS B 125 -32.48 14.77 7.16
C HIS B 125 -33.04 14.57 8.58
N SER B 126 -33.54 13.36 8.85
CA SER B 126 -34.15 13.05 10.14
C SER B 126 -33.13 13.04 11.27
N VAL B 127 -31.97 12.47 11.02
CA VAL B 127 -30.87 12.45 12.00
C VAL B 127 -30.40 13.88 12.26
N GLN B 128 -30.33 14.71 11.22
CA GLN B 128 -29.93 16.11 11.39
C GLN B 128 -30.89 16.94 12.26
N GLU B 129 -32.19 16.74 12.11
CA GLU B 129 -33.13 17.49 12.96
C GLU B 129 -33.23 16.95 14.39
N THR B 130 -32.93 15.66 14.61
CA THR B 130 -32.96 15.11 15.97
C THR B 130 -31.63 15.20 16.69
N HIS B 131 -30.52 15.31 15.95
CA HIS B 131 -29.19 15.35 16.54
C HIS B 131 -28.56 16.72 16.30
N SER B 132 -29.31 17.73 16.75
CA SER B 132 -29.00 19.16 16.69
C SER B 132 -30.26 19.89 16.22
N ALA C 32 -22.52 13.13 22.74
CA ALA C 32 -23.24 11.83 22.88
C ALA C 32 -22.31 10.64 22.62
N GLY C 33 -22.13 10.30 21.34
CA GLY C 33 -21.40 9.10 20.95
C GLY C 33 -19.98 9.33 20.47
N ALA C 34 -19.73 8.95 19.22
CA ALA C 34 -18.40 9.07 18.63
C ALA C 34 -18.03 10.54 18.44
N THR C 35 -16.73 10.83 18.38
CA THR C 35 -16.25 12.19 18.19
C THR C 35 -15.42 12.32 16.92
N LEU C 36 -15.42 13.52 16.35
CA LEU C 36 -14.56 13.84 15.21
C LEU C 36 -13.10 13.67 15.57
N SER C 37 -12.37 12.95 14.72
CA SER C 37 -10.93 12.90 14.81
C SER C 37 -10.34 14.26 14.45
N ARG C 38 -9.18 14.56 15.02
CA ARG C 38 -8.61 15.89 14.92
C ARG C 38 -7.60 16.07 13.78
N GLY C 39 -7.24 14.98 13.11
CA GLY C 39 -6.23 15.05 12.07
C GLY C 39 -6.76 15.66 10.78
N PRO C 40 -6.02 16.63 10.21
CA PRO C 40 -6.34 17.03 8.84
C PRO C 40 -6.10 15.88 7.85
N ALA C 41 -6.90 15.83 6.79
CA ALA C 41 -6.78 14.77 5.78
C ALA C 41 -5.45 14.88 5.02
N PHE C 42 -5.08 16.11 4.67
CA PHE C 42 -3.86 16.41 3.93
C PHE C 42 -3.09 17.47 4.71
N PRO C 43 -2.34 17.05 5.75
CA PRO C 43 -1.62 17.99 6.61
C PRO C 43 -0.71 18.95 5.84
N GLY C 44 0.01 18.42 4.85
CA GLY C 44 0.86 19.23 3.99
C GLY C 44 0.18 20.48 3.46
N MET C 45 -1.12 20.39 3.17
CA MET C 45 -1.86 21.51 2.59
C MET C 45 -2.50 22.41 3.65
N GLY C 46 -2.06 22.27 4.90
CA GLY C 46 -2.43 23.23 5.96
C GLY C 46 -1.86 24.61 5.71
N SER C 47 -0.78 24.70 4.94
CA SER C 47 -0.25 25.99 4.52
C SER C 47 -1.07 26.59 3.39
N GLU C 48 -1.65 27.77 3.63
CA GLU C 48 -2.41 28.50 2.62
C GLU C 48 -1.54 28.87 1.43
N GLU C 49 -0.27 29.19 1.71
CA GLU C 49 0.71 29.47 0.67
C GLU C 49 0.77 28.30 -0.31
N LEU C 50 0.86 27.07 0.22
CA LEU C 50 0.91 25.87 -0.61
C LEU C 50 -0.41 25.59 -1.34
N ARG C 51 -1.54 25.86 -0.70
CA ARG C 51 -2.84 25.71 -1.34
C ARG C 51 -2.99 26.66 -2.53
N LEU C 52 -2.60 27.91 -2.35
CA LEU C 52 -2.68 28.90 -3.39
C LEU C 52 -1.82 28.46 -4.58
N ALA C 53 -0.57 28.07 -4.30
CA ALA C 53 0.36 27.63 -5.34
C ALA C 53 -0.17 26.43 -6.16
N SER C 54 -1.02 25.61 -5.54
CA SER C 54 -1.65 24.48 -6.24
C SER C 54 -2.56 24.92 -7.39
N PHE C 55 -2.95 26.20 -7.41
CA PHE C 55 -3.81 26.73 -8.48
C PHE C 55 -3.02 27.33 -9.64
N TYR C 56 -1.78 26.91 -9.82
CA TYR C 56 -0.93 27.38 -10.91
C TYR C 56 -1.53 27.14 -12.31
N ASP C 57 -2.18 26.00 -12.47
CA ASP C 57 -2.85 25.63 -13.71
C ASP C 57 -4.36 25.55 -13.51
N TRP C 58 -4.90 26.47 -12.72
CA TRP C 58 -6.34 26.58 -12.50
C TRP C 58 -6.98 27.03 -13.81
N PRO C 59 -8.10 26.40 -14.21
CA PRO C 59 -8.64 26.67 -15.54
C PRO C 59 -9.07 28.13 -15.73
N LEU C 60 -8.90 28.63 -16.95
CA LEU C 60 -9.30 30.00 -17.30
C LEU C 60 -10.81 30.12 -17.44
N THR C 61 -11.49 29.02 -17.72
CA THR C 61 -12.95 28.96 -17.75
C THR C 61 -13.58 28.87 -16.34
N ALA C 62 -12.75 28.69 -15.31
CA ALA C 62 -13.23 28.66 -13.92
C ALA C 62 -13.35 30.08 -13.37
N GLU C 63 -14.56 30.46 -12.96
CA GLU C 63 -14.87 31.87 -12.63
C GLU C 63 -14.81 32.24 -11.14
N VAL C 64 -14.02 31.50 -10.35
CA VAL C 64 -13.81 31.84 -8.94
C VAL C 64 -12.31 31.98 -8.67
N PRO C 65 -11.88 33.12 -8.07
CA PRO C 65 -10.45 33.33 -7.84
C PRO C 65 -9.81 32.29 -6.90
N PRO C 66 -8.61 31.77 -7.25
CA PRO C 66 -7.85 30.84 -6.41
C PRO C 66 -7.63 31.30 -4.98
N GLU C 67 -7.44 32.60 -4.78
CA GLU C 67 -7.14 33.17 -3.46
C GLU C 67 -8.31 32.97 -2.52
N LEU C 68 -9.52 33.15 -3.04
CA LEU C 68 -10.76 32.86 -2.31
C LEU C 68 -10.84 31.39 -1.93
N LEU C 69 -10.52 30.52 -2.90
CA LEU C 69 -10.60 29.09 -2.66
C LEU C 69 -9.55 28.65 -1.64
N ALA C 70 -8.32 29.14 -1.81
CA ALA C 70 -7.22 28.81 -0.92
C ALA C 70 -7.49 29.31 0.49
N ALA C 71 -7.99 30.53 0.63
CA ALA C 71 -8.32 31.06 1.96
C ALA C 71 -9.34 30.17 2.69
N ALA C 72 -10.27 29.58 1.93
CA ALA C 72 -11.34 28.76 2.48
C ALA C 72 -10.95 27.29 2.70
N GLY C 73 -9.65 26.98 2.62
CA GLY C 73 -9.16 25.63 2.91
C GLY C 73 -8.94 24.73 1.71
N PHE C 74 -9.29 25.22 0.52
CA PHE C 74 -9.28 24.38 -0.68
C PHE C 74 -7.97 24.43 -1.46
N PHE C 75 -7.55 23.27 -1.95
CA PHE C 75 -6.46 23.15 -2.90
C PHE C 75 -6.97 22.50 -4.18
N HIS C 76 -6.29 22.79 -5.29
CA HIS C 76 -6.65 22.26 -6.58
C HIS C 76 -6.12 20.83 -6.70
N THR C 77 -6.98 19.91 -7.10
CA THR C 77 -6.54 18.53 -7.31
C THR C 77 -5.69 18.41 -8.56
N GLY C 78 -5.98 19.23 -9.56
CA GLY C 78 -5.24 19.25 -10.83
C GLY C 78 -6.14 18.96 -12.02
N HIS C 79 -7.30 18.35 -11.75
CA HIS C 79 -8.25 17.99 -12.81
C HIS C 79 -9.41 18.99 -12.87
N GLN C 80 -9.58 19.62 -14.04
CA GLN C 80 -10.64 20.61 -14.25
C GLN C 80 -10.63 21.66 -13.14
N ASP C 81 -11.80 21.98 -12.56
CA ASP C 81 -11.89 22.96 -11.49
C ASP C 81 -12.21 22.27 -10.16
N LYS C 82 -11.71 21.04 -10.01
CA LYS C 82 -11.95 20.26 -8.83
C LYS C 82 -11.02 20.68 -7.71
N VAL C 83 -11.60 20.95 -6.54
CA VAL C 83 -10.82 21.29 -5.36
C VAL C 83 -11.19 20.33 -4.22
N ARG C 84 -10.29 20.19 -3.26
CA ARG C 84 -10.58 19.51 -2.01
C ARG C 84 -10.06 20.35 -0.88
N CYS C 85 -10.73 20.24 0.26
CA CYS C 85 -10.29 20.88 1.50
C CYS C 85 -9.18 20.06 2.15
N PHE C 86 -8.12 20.72 2.61
CA PHE C 86 -6.98 20.00 3.20
C PHE C 86 -7.39 19.28 4.48
N PHE C 87 -8.41 19.80 5.17
CA PHE C 87 -8.80 19.25 6.48
C PHE C 87 -9.84 18.16 6.40
N CYS C 88 -11.04 18.48 5.91
CA CYS C 88 -12.13 17.51 5.80
C CYS C 88 -12.13 16.71 4.50
N TYR C 89 -11.31 17.12 3.54
CA TYR C 89 -11.16 16.45 2.24
C TYR C 89 -12.42 16.53 1.38
N GLY C 90 -13.29 17.49 1.70
CA GLY C 90 -14.54 17.67 0.97
C GLY C 90 -14.25 18.17 -0.43
N GLY C 91 -14.82 17.50 -1.43
CA GLY C 91 -14.52 17.82 -2.83
C GLY C 91 -15.64 18.58 -3.53
N LEU C 92 -15.28 19.69 -4.17
CA LEU C 92 -16.23 20.51 -4.94
C LEU C 92 -15.67 20.86 -6.31
N GLN C 93 -16.58 21.10 -7.25
CA GLN C 93 -16.22 21.47 -8.62
C GLN C 93 -17.38 22.24 -9.24
N SER C 94 -17.28 22.55 -10.54
CA SER C 94 -18.31 23.34 -11.26
C SER C 94 -18.54 24.68 -10.58
N TRP C 95 -17.46 25.36 -10.25
CA TRP C 95 -17.53 26.66 -9.62
C TRP C 95 -18.04 27.70 -10.62
N LYS C 96 -18.87 28.59 -10.12
CA LYS C 96 -19.49 29.62 -10.93
C LYS C 96 -19.25 31.00 -10.31
N ARG C 97 -19.28 32.01 -11.17
CA ARG C 97 -19.17 33.39 -10.74
C ARG C 97 -20.20 33.67 -9.65
N GLY C 98 -19.74 34.17 -8.51
CA GLY C 98 -20.63 34.53 -7.41
C GLY C 98 -20.64 33.54 -6.26
N ASP C 99 -20.11 32.34 -6.48
CA ASP C 99 -19.96 31.35 -5.40
C ASP C 99 -18.96 31.86 -4.37
N ASP C 100 -19.30 31.65 -3.10
CA ASP C 100 -18.44 32.01 -1.99
C ASP C 100 -17.90 30.71 -1.39
N PRO C 101 -16.60 30.42 -1.60
CA PRO C 101 -16.05 29.19 -1.05
C PRO C 101 -16.35 28.93 0.44
N TRP C 102 -16.37 29.98 1.26
CA TRP C 102 -16.68 29.80 2.69
C TRP C 102 -18.10 29.26 2.85
N THR C 103 -19.04 29.89 2.16
CA THR C 103 -20.44 29.50 2.19
C THR C 103 -20.66 28.08 1.65
N GLU C 104 -20.00 27.76 0.54
CA GLU C 104 -20.07 26.43 -0.05
C GLU C 104 -19.43 25.39 0.88
N HIS C 105 -18.31 25.75 1.50
CA HIS C 105 -17.68 24.88 2.51
C HIS C 105 -18.69 24.51 3.63
N ALA C 106 -19.47 25.49 4.07
CA ALA C 106 -20.43 25.31 5.18
C ALA C 106 -21.69 24.55 4.75
N LYS C 107 -22.06 24.71 3.48
CA LYS C 107 -23.22 24.07 2.90
C LYS C 107 -23.04 22.57 2.83
N TRP C 108 -21.83 22.15 2.48
CA TRP C 108 -21.55 20.77 2.11
C TRP C 108 -20.81 19.98 3.19
N PHE C 109 -19.96 20.66 3.95
CA PHE C 109 -19.11 20.02 4.95
C PHE C 109 -19.20 20.71 6.32
N PRO C 110 -20.41 20.74 6.91
CA PRO C 110 -20.66 21.52 8.11
C PRO C 110 -19.84 21.17 9.36
N SER C 111 -19.37 19.93 9.47
CA SER C 111 -18.58 19.55 10.64
C SER C 111 -17.06 19.66 10.45
N CYS C 112 -16.62 20.27 9.36
CA CYS C 112 -15.18 20.47 9.12
C CYS C 112 -14.59 21.36 10.19
N GLN C 113 -13.55 20.88 10.86
CA GLN C 113 -13.01 21.60 12.01
C GLN C 113 -12.28 22.86 11.61
N PHE C 114 -11.60 22.82 10.46
CA PHE C 114 -10.96 24.02 9.92
C PHE C 114 -11.99 25.14 9.71
N LEU C 115 -13.08 24.79 9.02
CA LEU C 115 -14.20 25.70 8.77
C LEU C 115 -14.78 26.24 10.06
N LEU C 116 -15.07 25.34 11.00
CA LEU C 116 -15.67 25.70 12.27
C LEU C 116 -14.76 26.60 13.11
N ARG C 117 -13.45 26.29 13.16
CA ARG C 117 -12.46 27.12 13.84
C ARG C 117 -12.35 28.54 13.26
N SER C 118 -12.38 28.65 11.94
CA SER C 118 -12.23 29.94 11.27
C SER C 118 -13.50 30.79 11.36
N LYS C 119 -14.63 30.16 11.07
CA LYS C 119 -15.88 30.88 10.85
C LYS C 119 -16.94 30.71 11.95
N GLY C 120 -16.79 29.66 12.76
CA GLY C 120 -17.68 29.45 13.89
C GLY C 120 -18.95 28.68 13.56
N ARG C 121 -19.59 28.22 14.63
CA ARG C 121 -20.79 27.39 14.58
C ARG C 121 -22.01 28.15 14.07
N ASP C 122 -22.14 29.40 14.51
CA ASP C 122 -23.26 30.25 14.12
C ASP C 122 -23.34 30.43 12.60
N PHE C 123 -22.19 30.67 11.97
CA PHE C 123 -22.13 30.82 10.52
C PHE C 123 -22.58 29.55 9.78
N VAL C 124 -22.01 28.41 10.18
CA VAL C 124 -22.31 27.13 9.53
C VAL C 124 -23.77 26.77 9.70
N HIS C 125 -24.29 27.01 10.90
CA HIS C 125 -25.69 26.75 11.21
C HIS C 125 -26.60 27.61 10.35
N SER C 126 -26.30 28.90 10.25
CA SER C 126 -27.06 29.80 9.40
C SER C 126 -27.07 29.37 7.92
N VAL C 127 -25.93 28.93 7.41
CA VAL C 127 -25.85 28.45 6.03
C VAL C 127 -26.66 27.18 5.85
N GLN C 128 -26.47 26.22 6.77
CA GLN C 128 -27.24 24.97 6.74
C GLN C 128 -28.74 25.19 6.69
N GLU C 129 -29.26 26.14 7.48
CA GLU C 129 -30.71 26.37 7.52
C GLU C 129 -31.26 27.11 6.28
N THR C 130 -30.48 28.05 5.74
CA THR C 130 -30.93 28.84 4.59
C THR C 130 -30.66 28.13 3.26
N HIS C 131 -29.77 27.14 3.28
CA HIS C 131 -29.48 26.31 2.11
C HIS C 131 -29.81 24.86 2.44
N SER C 132 -31.10 24.60 2.68
CA SER C 132 -31.59 23.25 2.99
C SER C 132 -33.07 23.12 2.65
N ALA D 32 23.88 3.02 -3.68
CA ALA D 32 22.80 2.31 -2.96
C ALA D 32 22.76 2.70 -1.49
N GLY D 33 21.58 2.60 -0.87
CA GLY D 33 21.41 3.00 0.53
C GLY D 33 19.98 2.92 1.04
N ALA D 34 19.02 3.36 0.22
CA ALA D 34 17.60 3.31 0.60
C ALA D 34 17.17 1.87 0.80
N THR D 35 16.37 1.63 1.83
CA THR D 35 15.95 0.28 2.18
C THR D 35 14.45 0.10 1.92
N LEU D 36 14.07 -1.15 1.71
CA LEU D 36 12.69 -1.52 1.45
C LEU D 36 11.92 -1.46 2.78
N SER D 37 10.76 -0.80 2.76
CA SER D 37 9.92 -0.71 3.96
C SER D 37 9.26 -2.07 4.24
N ARG D 38 9.17 -2.42 5.52
CA ARG D 38 8.78 -3.77 5.93
C ARG D 38 7.29 -3.94 6.23
N GLY D 39 6.51 -2.87 6.10
CA GLY D 39 5.07 -2.92 6.41
C GLY D 39 4.26 -3.47 5.25
N PRO D 40 3.34 -4.42 5.52
CA PRO D 40 2.41 -4.76 4.44
C PRO D 40 1.53 -3.56 4.05
N ALA D 41 1.25 -3.42 2.77
CA ALA D 41 0.32 -2.40 2.27
C ALA D 41 -1.04 -2.51 2.95
N PHE D 42 -1.54 -3.74 3.07
CA PHE D 42 -2.87 -4.00 3.62
C PHE D 42 -2.75 -5.09 4.69
N PRO D 43 -2.35 -4.72 5.92
CA PRO D 43 -2.15 -5.66 7.02
C PRO D 43 -3.32 -6.61 7.28
N GLY D 44 -4.54 -6.12 7.24
CA GLY D 44 -5.73 -6.94 7.48
C GLY D 44 -5.87 -8.10 6.50
N MET D 45 -5.36 -7.91 5.29
CA MET D 45 -5.41 -8.96 4.28
C MET D 45 -4.23 -9.95 4.33
N GLY D 46 -3.40 -9.87 5.36
CA GLY D 46 -2.47 -10.95 5.69
C GLY D 46 -3.12 -12.29 6.00
N SER D 47 -4.43 -12.28 6.30
CA SER D 47 -5.18 -13.54 6.49
C SER D 47 -5.60 -14.11 5.15
N GLU D 48 -5.12 -15.31 4.85
CA GLU D 48 -5.51 -16.00 3.61
C GLU D 48 -7.01 -16.20 3.58
N GLU D 49 -7.58 -16.48 4.74
CA GLU D 49 -9.02 -16.67 4.89
C GLU D 49 -9.84 -15.43 4.49
N LEU D 50 -9.38 -14.26 4.89
CA LEU D 50 -10.01 -13.01 4.49
C LEU D 50 -9.74 -12.70 3.02
N ARG D 51 -8.54 -13.00 2.54
CA ARG D 51 -8.24 -12.85 1.12
C ARG D 51 -9.21 -13.69 0.28
N LEU D 52 -9.42 -14.95 0.67
CA LEU D 52 -10.28 -15.85 -0.09
C LEU D 52 -11.72 -15.35 -0.09
N ALA D 53 -12.17 -14.86 1.06
CA ALA D 53 -13.52 -14.33 1.22
C ALA D 53 -13.75 -13.10 0.32
N SER D 54 -12.69 -12.38 -0.02
CA SER D 54 -12.80 -11.25 -0.94
C SER D 54 -13.26 -11.66 -2.36
N PHE D 55 -13.12 -12.94 -2.72
CA PHE D 55 -13.46 -13.42 -4.08
C PHE D 55 -14.93 -13.89 -4.27
N TYR D 56 -15.79 -13.65 -3.31
CA TYR D 56 -17.20 -14.04 -3.43
C TYR D 56 -17.82 -13.63 -4.77
N ASP D 57 -17.38 -12.47 -5.27
CA ASP D 57 -17.89 -11.88 -6.51
C ASP D 57 -16.93 -12.02 -7.71
N TRP D 58 -16.04 -12.99 -7.66
CA TRP D 58 -15.13 -13.30 -8.77
C TRP D 58 -15.94 -13.56 -10.04
N PRO D 59 -15.53 -13.00 -11.21
CA PRO D 59 -16.35 -13.18 -12.41
C PRO D 59 -16.49 -14.63 -12.85
N LEU D 60 -17.65 -14.97 -13.39
CA LEU D 60 -17.91 -16.34 -13.84
C LEU D 60 -17.15 -16.64 -15.15
N THR D 61 -16.63 -15.58 -15.79
CA THR D 61 -15.82 -15.71 -16.99
C THR D 61 -14.33 -15.92 -16.65
N ALA D 62 -13.95 -15.76 -15.38
CA ALA D 62 -12.55 -15.78 -14.98
C ALA D 62 -11.90 -17.14 -15.20
N GLU D 63 -10.58 -17.15 -15.27
CA GLU D 63 -9.85 -18.33 -15.72
C GLU D 63 -8.86 -18.91 -14.69
N VAL D 64 -8.69 -18.23 -13.55
CA VAL D 64 -7.82 -18.68 -12.48
C VAL D 64 -8.63 -18.67 -11.18
N PRO D 65 -8.57 -19.75 -10.39
CA PRO D 65 -9.43 -19.88 -9.21
C PRO D 65 -8.98 -19.01 -8.05
N PRO D 66 -9.95 -18.41 -7.32
CA PRO D 66 -9.69 -17.64 -6.11
C PRO D 66 -8.74 -18.31 -5.13
N GLU D 67 -8.92 -19.61 -4.92
CA GLU D 67 -8.15 -20.32 -3.91
C GLU D 67 -6.66 -20.22 -4.16
N LEU D 68 -6.27 -20.35 -5.43
CA LEU D 68 -4.87 -20.24 -5.84
C LEU D 68 -4.40 -18.80 -5.75
N LEU D 69 -5.27 -17.86 -6.13
CA LEU D 69 -4.93 -16.46 -6.02
C LEU D 69 -4.69 -16.04 -4.57
N ALA D 70 -5.61 -16.44 -3.70
CA ALA D 70 -5.54 -16.12 -2.28
C ALA D 70 -4.29 -16.71 -1.63
N ALA D 71 -3.95 -17.95 -2.00
CA ALA D 71 -2.75 -18.61 -1.51
C ALA D 71 -1.48 -17.83 -1.86
N ALA D 72 -1.47 -17.18 -3.02
CA ALA D 72 -0.30 -16.40 -3.47
C ALA D 72 -0.27 -14.94 -3.00
N GLY D 73 -1.16 -14.57 -2.06
CA GLY D 73 -1.13 -13.25 -1.44
C GLY D 73 -2.15 -12.27 -1.96
N PHE D 74 -2.92 -12.68 -2.96
CA PHE D 74 -3.79 -11.75 -3.67
C PHE D 74 -5.20 -11.71 -3.09
N PHE D 75 -5.78 -10.52 -3.09
CA PHE D 75 -7.20 -10.35 -2.81
C PHE D 75 -7.90 -9.66 -3.96
N HIS D 76 -9.18 -9.90 -4.10
CA HIS D 76 -9.99 -9.35 -5.17
C HIS D 76 -10.36 -7.90 -4.85
N THR D 77 -10.21 -7.02 -5.82
CA THR D 77 -10.60 -5.60 -5.66
C THR D 77 -12.10 -5.39 -5.81
N GLY D 78 -12.81 -6.39 -6.35
CA GLY D 78 -14.25 -6.31 -6.59
C GLY D 78 -14.56 -5.83 -7.99
N HIS D 79 -13.52 -5.62 -8.80
CA HIS D 79 -13.68 -5.10 -10.14
C HIS D 79 -13.07 -6.07 -11.12
N GLN D 80 -13.93 -6.64 -11.98
CA GLN D 80 -13.52 -7.63 -12.97
C GLN D 80 -12.66 -8.69 -12.27
N ASP D 81 -11.53 -9.09 -12.88
CA ASP D 81 -10.66 -10.08 -12.31
C ASP D 81 -9.37 -9.45 -11.77
N LYS D 82 -9.48 -8.19 -11.34
CA LYS D 82 -8.34 -7.47 -10.78
C LYS D 82 -8.06 -7.92 -9.36
N VAL D 83 -6.77 -8.12 -9.05
CA VAL D 83 -6.34 -8.47 -7.71
C VAL D 83 -5.14 -7.63 -7.29
N ARG D 84 -4.93 -7.53 -5.98
CA ARG D 84 -3.76 -6.90 -5.42
C ARG D 84 -3.18 -7.78 -4.33
N CYS D 85 -1.86 -7.74 -4.18
CA CYS D 85 -1.21 -8.48 -3.09
C CYS D 85 -1.36 -7.64 -1.84
N PHE D 86 -1.66 -8.29 -0.72
CA PHE D 86 -1.82 -7.59 0.55
C PHE D 86 -0.51 -6.94 0.97
N PHE D 87 0.61 -7.57 0.61
CA PHE D 87 1.92 -7.08 1.03
C PHE D 87 2.46 -5.96 0.14
N CYS D 88 2.77 -6.27 -1.12
CA CYS D 88 3.35 -5.27 -2.03
C CYS D 88 2.31 -4.42 -2.78
N TYR D 89 1.03 -4.77 -2.65
CA TYR D 89 -0.06 -4.05 -3.32
C TYR D 89 0.07 -4.11 -4.85
N GLY D 90 0.79 -5.10 -5.34
CA GLY D 90 0.96 -5.29 -6.80
C GLY D 90 -0.35 -5.70 -7.44
N GLY D 91 -0.73 -5.02 -8.52
CA GLY D 91 -2.02 -5.23 -9.16
C GLY D 91 -1.91 -6.01 -10.45
N LEU D 92 -2.64 -7.12 -10.53
CA LEU D 92 -2.68 -7.97 -11.74
C LEU D 92 -4.11 -8.19 -12.19
N GLN D 93 -4.29 -8.44 -13.49
CA GLN D 93 -5.59 -8.71 -14.06
C GLN D 93 -5.48 -9.48 -15.38
N SER D 94 -6.63 -9.73 -16.02
CA SER D 94 -6.69 -10.49 -17.27
C SER D 94 -5.95 -11.81 -17.11
N TRP D 95 -6.35 -12.55 -16.07
CA TRP D 95 -5.72 -13.82 -15.75
C TRP D 95 -6.12 -14.83 -16.79
N LYS D 96 -5.16 -15.62 -17.25
CA LYS D 96 -5.36 -16.54 -18.36
C LYS D 96 -5.27 -17.98 -17.88
N ARG D 97 -5.94 -18.87 -18.60
CA ARG D 97 -5.96 -20.28 -18.25
C ARG D 97 -4.54 -20.80 -18.11
N GLY D 98 -4.26 -21.45 -16.99
CA GLY D 98 -2.94 -22.02 -16.74
C GLY D 98 -1.93 -21.06 -16.11
N ASP D 99 -2.31 -19.80 -15.90
CA ASP D 99 -1.47 -18.85 -15.17
C ASP D 99 -1.30 -19.32 -13.75
N ASP D 100 -0.06 -19.25 -13.26
CA ASP D 100 0.27 -19.60 -11.89
C ASP D 100 0.45 -18.30 -11.10
N PRO D 101 -0.44 -18.03 -10.12
CA PRO D 101 -0.33 -16.82 -9.31
C PRO D 101 1.05 -16.55 -8.69
N TRP D 102 1.71 -17.57 -8.17
CA TRP D 102 3.04 -17.38 -7.58
C TRP D 102 4.04 -16.86 -8.63
N THR D 103 4.05 -17.50 -9.80
CA THR D 103 4.94 -17.13 -10.90
C THR D 103 4.69 -15.70 -11.43
N GLU D 104 3.42 -15.33 -11.54
CA GLU D 104 3.05 -13.97 -11.96
C GLU D 104 3.50 -12.94 -10.91
N HIS D 105 3.33 -13.29 -9.65
CA HIS D 105 3.80 -12.48 -8.53
C HIS D 105 5.30 -12.19 -8.66
N ALA D 106 6.08 -13.25 -8.92
CA ALA D 106 7.54 -13.13 -9.03
C ALA D 106 7.96 -12.42 -10.32
N LYS D 107 7.17 -12.60 -11.36
CA LYS D 107 7.45 -11.96 -12.66
C LYS D 107 7.30 -10.45 -12.54
N TRP D 108 6.28 -10.00 -11.82
CA TRP D 108 5.93 -8.59 -11.79
C TRP D 108 6.41 -7.85 -10.56
N PHE D 109 6.42 -8.51 -9.41
CA PHE D 109 6.73 -7.84 -8.14
C PHE D 109 7.84 -8.56 -7.36
N PRO D 110 9.05 -8.62 -7.95
CA PRO D 110 10.12 -9.45 -7.39
C PRO D 110 10.62 -9.09 -5.99
N SER D 111 10.48 -7.84 -5.56
CA SER D 111 10.97 -7.44 -4.24
C SER D 111 9.91 -7.57 -3.13
N CYS D 112 8.77 -8.18 -3.42
CA CYS D 112 7.72 -8.37 -2.40
C CYS D 112 8.18 -9.32 -1.30
N GLN D 113 8.12 -8.86 -0.04
CA GLN D 113 8.69 -9.61 1.09
C GLN D 113 7.89 -10.85 1.41
N PHE D 114 6.59 -10.80 1.17
CA PHE D 114 5.73 -11.96 1.38
C PHE D 114 6.05 -13.06 0.37
N LEU D 115 6.12 -12.68 -0.90
CA LEU D 115 6.61 -13.55 -1.97
C LEU D 115 7.93 -14.18 -1.60
N LEU D 116 8.90 -13.35 -1.24
CA LEU D 116 10.25 -13.82 -0.95
C LEU D 116 10.30 -14.77 0.27
N ARG D 117 9.58 -14.43 1.34
CA ARG D 117 9.51 -15.28 2.52
C ARG D 117 8.91 -16.66 2.21
N SER D 118 7.87 -16.67 1.37
CA SER D 118 7.15 -17.90 1.05
C SER D 118 7.91 -18.77 0.08
N LYS D 119 8.31 -18.18 -1.05
CA LYS D 119 8.85 -18.92 -2.20
C LYS D 119 10.38 -18.88 -2.29
N GLY D 120 11.02 -17.92 -1.63
CA GLY D 120 12.48 -17.84 -1.64
C GLY D 120 13.04 -17.03 -2.80
N ARG D 121 14.27 -16.55 -2.62
CA ARG D 121 14.93 -15.67 -3.56
C ARG D 121 15.28 -16.38 -4.88
N ASP D 122 15.68 -17.64 -4.78
CA ASP D 122 16.01 -18.45 -5.93
C ASP D 122 14.84 -18.60 -6.90
N PHE D 123 13.64 -18.81 -6.36
CA PHE D 123 12.45 -18.93 -7.20
C PHE D 123 12.24 -17.65 -8.00
N VAL D 124 12.32 -16.51 -7.32
CA VAL D 124 12.03 -15.21 -7.92
C VAL D 124 13.09 -14.87 -8.97
N HIS D 125 14.34 -15.15 -8.66
CA HIS D 125 15.45 -14.94 -9.58
C HIS D 125 15.29 -15.79 -10.84
N SER D 126 14.90 -17.05 -10.64
CA SER D 126 14.67 -17.98 -11.74
C SER D 126 13.53 -17.50 -12.66
N VAL D 127 12.45 -16.99 -12.09
CA VAL D 127 11.33 -16.46 -12.87
C VAL D 127 11.73 -15.18 -13.64
N GLN D 128 12.55 -14.33 -13.02
CA GLN D 128 13.03 -13.10 -13.67
C GLN D 128 13.99 -13.41 -14.83
N GLU D 129 14.84 -14.41 -14.66
CA GLU D 129 15.77 -14.83 -15.72
C GLU D 129 15.00 -15.19 -16.98
N THR D 130 13.97 -16.01 -16.84
CA THR D 130 13.09 -16.33 -17.97
C THR D 130 12.21 -15.11 -18.24
N HIS D 131 12.78 -14.17 -18.99
CA HIS D 131 12.16 -12.87 -19.26
C HIS D 131 10.80 -13.00 -19.96
N GLY E 39 22.99 -12.45 12.39
CA GLY E 39 23.80 -12.62 11.15
C GLY E 39 24.34 -14.02 11.02
N PRO E 40 25.22 -14.25 10.03
CA PRO E 40 25.81 -15.58 9.82
C PRO E 40 26.74 -16.02 10.94
N ALA E 41 26.78 -17.32 11.19
CA ALA E 41 27.71 -17.91 12.16
C ALA E 41 29.16 -17.56 11.79
N PHE E 42 29.44 -17.57 10.47
CA PHE E 42 30.78 -17.40 9.93
C PHE E 42 30.71 -16.42 8.75
N PRO E 43 30.69 -15.10 9.05
CA PRO E 43 30.64 -14.07 8.02
C PRO E 43 31.70 -14.21 6.93
N GLY E 44 32.92 -14.56 7.31
CA GLY E 44 34.01 -14.74 6.36
C GLY E 44 33.74 -15.71 5.21
N MET E 45 32.75 -16.59 5.35
CA MET E 45 32.38 -17.48 4.25
C MET E 45 31.05 -17.14 3.58
N GLY E 46 30.63 -15.88 3.72
CA GLY E 46 29.44 -15.38 3.05
C GLY E 46 29.51 -15.28 1.53
N SER E 47 30.73 -15.23 0.98
CA SER E 47 30.92 -15.20 -0.48
C SER E 47 30.79 -16.61 -1.08
N GLU E 48 29.81 -16.76 -1.97
CA GLU E 48 29.64 -18.01 -2.73
C GLU E 48 30.91 -18.38 -3.51
N GLU E 49 31.52 -17.40 -4.15
CA GLU E 49 32.78 -17.58 -4.86
C GLU E 49 33.83 -18.25 -3.99
N LEU E 50 34.00 -17.74 -2.76
CA LEU E 50 34.96 -18.30 -1.81
C LEU E 50 34.54 -19.69 -1.36
N ARG E 51 33.24 -19.88 -1.11
CA ARG E 51 32.77 -21.21 -0.76
C ARG E 51 33.10 -22.19 -1.88
N LEU E 52 32.93 -21.76 -3.13
CA LEU E 52 33.22 -22.65 -4.25
C LEU E 52 34.72 -22.96 -4.29
N ALA E 53 35.53 -21.94 -4.04
CA ALA E 53 36.98 -22.07 -3.99
C ALA E 53 37.42 -23.11 -2.97
N SER E 54 36.69 -23.20 -1.86
CA SER E 54 37.00 -24.15 -0.81
C SER E 54 36.98 -25.63 -1.25
N PHE E 55 36.33 -25.92 -2.39
CA PHE E 55 36.17 -27.31 -2.87
C PHE E 55 37.27 -27.77 -3.83
N TYR E 56 38.43 -27.13 -3.75
CA TYR E 56 39.50 -27.38 -4.71
C TYR E 56 40.04 -28.82 -4.63
N ASP E 57 39.96 -29.41 -3.43
CA ASP E 57 40.33 -30.81 -3.19
C ASP E 57 39.12 -31.66 -2.74
N TRP E 58 37.93 -31.30 -3.20
CA TRP E 58 36.73 -32.12 -3.00
C TRP E 58 36.92 -33.50 -3.66
N PRO E 59 36.70 -34.58 -2.89
CA PRO E 59 36.96 -35.91 -3.45
C PRO E 59 35.97 -36.29 -4.55
N LEU E 60 36.48 -36.87 -5.64
CA LEU E 60 35.62 -37.30 -6.76
C LEU E 60 34.59 -38.34 -6.32
N THR E 61 34.94 -39.13 -5.30
CA THR E 61 34.05 -40.17 -4.79
C THR E 61 32.75 -39.65 -4.20
N ALA E 62 32.68 -38.35 -3.91
CA ALA E 62 31.51 -37.73 -3.28
C ALA E 62 30.28 -37.68 -4.21
N GLU E 63 30.51 -37.35 -5.47
CA GLU E 63 29.49 -37.36 -6.52
C GLU E 63 28.35 -36.36 -6.33
N VAL E 64 28.66 -35.27 -5.63
CA VAL E 64 27.76 -34.14 -5.51
C VAL E 64 28.54 -32.91 -6.01
N PRO E 65 27.96 -32.16 -6.96
CA PRO E 65 28.59 -30.96 -7.51
C PRO E 65 28.92 -29.89 -6.47
N PRO E 66 30.20 -29.51 -6.36
CA PRO E 66 30.63 -28.36 -5.55
C PRO E 66 29.85 -27.07 -5.81
N GLU E 67 29.53 -26.79 -7.07
CA GLU E 67 28.78 -25.59 -7.41
C GLU E 67 27.41 -25.54 -6.73
N LEU E 68 26.77 -26.70 -6.61
CA LEU E 68 25.49 -26.82 -5.89
C LEU E 68 25.69 -26.72 -4.38
N LEU E 69 26.76 -27.33 -3.89
CA LEU E 69 27.08 -27.26 -2.47
C LEU E 69 27.35 -25.81 -2.04
N ALA E 70 28.14 -25.12 -2.84
CA ALA E 70 28.50 -23.74 -2.53
C ALA E 70 27.28 -22.80 -2.59
N ALA E 71 26.41 -22.98 -3.58
CA ALA E 71 25.19 -22.17 -3.69
C ALA E 71 24.20 -22.42 -2.52
N ALA E 72 24.19 -23.64 -1.99
CA ALA E 72 23.33 -23.99 -0.84
C ALA E 72 23.93 -23.58 0.51
N GLY E 73 25.06 -22.86 0.47
CA GLY E 73 25.66 -22.24 1.64
C GLY E 73 26.85 -22.96 2.24
N PHE E 74 27.26 -24.05 1.59
CA PHE E 74 28.25 -24.94 2.16
C PHE E 74 29.67 -24.67 1.66
N PHE E 75 30.63 -24.77 2.57
CA PHE E 75 32.04 -24.81 2.20
C PHE E 75 32.66 -26.11 2.68
N HIS E 76 33.74 -26.50 2.02
CA HIS E 76 34.47 -27.70 2.37
C HIS E 76 35.43 -27.41 3.53
N THR E 77 35.38 -28.24 4.57
CA THR E 77 36.31 -28.13 5.70
C THR E 77 37.74 -28.57 5.33
N GLY E 78 37.85 -29.38 4.28
CA GLY E 78 39.13 -29.88 3.82
C GLY E 78 39.38 -31.30 4.28
N HIS E 79 38.55 -31.79 5.20
CA HIS E 79 38.63 -33.17 5.68
C HIS E 79 37.52 -34.02 5.06
N GLN E 80 37.91 -35.07 4.35
CA GLN E 80 37.00 -36.00 3.71
C GLN E 80 35.95 -35.23 2.89
N ASP E 81 34.67 -35.55 3.06
CA ASP E 81 33.60 -34.87 2.36
C ASP E 81 32.77 -34.01 3.33
N LYS E 82 33.40 -33.58 4.42
CA LYS E 82 32.70 -32.78 5.41
C LYS E 82 32.57 -31.34 4.93
N VAL E 83 31.34 -30.84 4.93
CA VAL E 83 31.06 -29.46 4.59
C VAL E 83 30.31 -28.77 5.72
N ARG E 84 30.28 -27.45 5.67
CA ARG E 84 29.62 -26.69 6.70
C ARG E 84 28.99 -25.45 6.10
N CYS E 85 27.82 -25.09 6.61
CA CYS E 85 27.11 -23.91 6.16
C CYS E 85 27.68 -22.69 6.87
N PHE E 86 27.97 -21.65 6.10
CA PHE E 86 28.55 -20.41 6.64
C PHE E 86 27.61 -19.72 7.62
N PHE E 87 26.30 -19.87 7.40
CA PHE E 87 25.30 -19.12 8.15
C PHE E 87 24.89 -19.80 9.46
N CYS E 88 24.50 -21.07 9.39
CA CYS E 88 24.05 -21.80 10.58
C CYS E 88 25.15 -22.66 11.19
N TYR E 89 26.30 -22.76 10.52
CA TYR E 89 27.43 -23.56 10.96
C TYR E 89 27.14 -25.07 11.02
N GLY E 90 26.03 -25.50 10.41
CA GLY E 90 25.66 -26.90 10.34
C GLY E 90 26.62 -27.71 9.46
N GLY E 91 27.09 -28.84 9.98
CA GLY E 91 27.99 -29.73 9.25
C GLY E 91 27.28 -30.96 8.70
N LEU E 92 27.59 -31.29 7.44
CA LEU E 92 27.09 -32.49 6.78
C LEU E 92 28.24 -33.27 6.14
N GLN E 93 28.16 -34.59 6.19
CA GLN E 93 29.15 -35.49 5.56
C GLN E 93 28.44 -36.69 4.93
N SER E 94 29.23 -37.60 4.37
CA SER E 94 28.70 -38.83 3.72
C SER E 94 27.76 -38.51 2.56
N TRP E 95 28.21 -37.59 1.71
CA TRP E 95 27.45 -37.19 0.54
C TRP E 95 27.39 -38.32 -0.46
N LYS E 96 26.22 -38.51 -1.06
CA LYS E 96 25.98 -39.57 -2.01
C LYS E 96 25.31 -39.02 -3.25
N ARG E 97 25.59 -39.67 -4.38
CA ARG E 97 25.07 -39.23 -5.67
C ARG E 97 23.57 -39.07 -5.60
N GLY E 98 23.08 -37.93 -6.06
CA GLY E 98 21.64 -37.64 -6.04
C GLY E 98 21.22 -36.80 -4.85
N ASP E 99 22.06 -36.68 -3.83
CA ASP E 99 21.77 -35.79 -2.71
C ASP E 99 21.67 -34.37 -3.27
N ASP E 100 20.56 -33.70 -2.98
CA ASP E 100 20.39 -32.29 -3.31
C ASP E 100 20.78 -31.45 -2.09
N PRO E 101 21.89 -30.68 -2.18
CA PRO E 101 22.37 -29.85 -1.06
C PRO E 101 21.31 -29.02 -0.34
N TRP E 102 20.47 -28.32 -1.10
CA TRP E 102 19.38 -27.55 -0.48
C TRP E 102 18.44 -28.45 0.33
N THR E 103 18.09 -29.60 -0.23
CA THR E 103 17.19 -30.53 0.44
C THR E 103 17.83 -31.06 1.72
N GLU E 104 19.11 -31.41 1.67
CA GLU E 104 19.82 -31.87 2.89
C GLU E 104 19.89 -30.73 3.89
N HIS E 105 20.19 -29.53 3.40
CA HIS E 105 20.15 -28.34 4.25
C HIS E 105 18.82 -28.22 5.01
N ALA E 106 17.72 -28.37 4.28
CA ALA E 106 16.36 -28.26 4.83
C ALA E 106 16.01 -29.45 5.74
N LYS E 107 16.52 -30.64 5.41
CA LYS E 107 16.29 -31.82 6.25
C LYS E 107 16.90 -31.65 7.62
N TRP E 108 18.13 -31.15 7.66
CA TRP E 108 18.94 -31.24 8.86
C TRP E 108 19.02 -29.94 9.66
N PHE E 109 18.92 -28.81 8.98
CA PHE E 109 19.00 -27.49 9.62
C PHE E 109 17.88 -26.59 9.13
N PRO E 110 16.61 -27.00 9.35
CA PRO E 110 15.46 -26.27 8.83
C PRO E 110 15.32 -24.81 9.32
N SER E 111 15.97 -24.46 10.43
CA SER E 111 15.85 -23.10 10.98
C SER E 111 16.92 -22.12 10.47
N CYS E 112 17.77 -22.58 9.55
CA CYS E 112 18.80 -21.71 8.96
C CYS E 112 18.16 -20.59 8.16
N GLN E 113 18.50 -19.35 8.50
CA GLN E 113 17.91 -18.18 7.86
C GLN E 113 18.41 -17.99 6.43
N PHE E 114 19.65 -18.42 6.14
CA PHE E 114 20.15 -18.39 4.78
C PHE E 114 19.33 -19.31 3.89
N LEU E 115 19.16 -20.56 4.33
CA LEU E 115 18.25 -21.50 3.69
C LEU E 115 16.82 -20.93 3.53
N LEU E 116 16.27 -20.39 4.61
CA LEU E 116 14.90 -19.86 4.55
C LEU E 116 14.77 -18.69 3.56
N ARG E 117 15.73 -17.76 3.58
CA ARG E 117 15.73 -16.64 2.63
C ARG E 117 15.92 -17.11 1.19
N SER E 118 16.82 -18.06 0.98
CA SER E 118 17.13 -18.52 -0.36
C SER E 118 16.02 -19.41 -0.95
N LYS E 119 15.49 -20.33 -0.15
CA LYS E 119 14.52 -21.33 -0.64
C LYS E 119 13.06 -21.09 -0.26
N GLY E 120 12.82 -20.22 0.73
CA GLY E 120 11.45 -19.93 1.20
C GLY E 120 10.92 -20.96 2.20
N ARG E 121 9.94 -20.53 2.99
CA ARG E 121 9.32 -21.37 4.02
C ARG E 121 8.65 -22.62 3.45
N ASP E 122 7.95 -22.47 2.34
CA ASP E 122 7.21 -23.56 1.73
C ASP E 122 8.11 -24.75 1.44
N PHE E 123 9.27 -24.49 0.84
CA PHE E 123 10.24 -25.53 0.50
C PHE E 123 10.71 -26.27 1.75
N VAL E 124 11.14 -25.51 2.75
CA VAL E 124 11.67 -26.10 3.98
C VAL E 124 10.59 -26.94 4.67
N HIS E 125 9.39 -26.40 4.75
CA HIS E 125 8.24 -27.08 5.35
C HIS E 125 7.90 -28.38 4.61
N SER E 126 7.99 -28.34 3.29
CA SER E 126 7.71 -29.51 2.46
C SER E 126 8.74 -30.61 2.73
N VAL E 127 10.02 -30.24 2.76
CA VAL E 127 11.07 -31.20 3.06
C VAL E 127 10.89 -31.77 4.47
N GLN E 128 10.66 -30.92 5.46
CA GLN E 128 10.51 -31.36 6.84
C GLN E 128 9.33 -32.30 7.00
N GLU E 129 8.28 -32.05 6.23
CA GLU E 129 7.05 -32.83 6.27
C GLU E 129 7.33 -34.29 5.93
N THR E 130 8.08 -34.55 4.87
CA THR E 130 8.32 -35.91 4.39
C THR E 130 9.42 -36.63 5.20
N HIS E 131 9.53 -36.29 6.50
CA HIS E 131 10.55 -36.82 7.41
C HIS E 131 11.98 -36.45 6.99
N SER E 132 12.77 -36.00 7.97
CA SER E 132 14.10 -35.45 7.71
C SER E 132 15.22 -36.40 8.12
ZN ZN F . 6.28 3.27 -8.65
ZN ZN G . -19.07 9.03 4.27
ZN ZN H . -13.17 21.33 5.13
ZN ZN I . 3.31 -9.14 -3.20
O22 P33 J . -7.84 -1.78 -4.10
C21 P33 J . -7.82 -2.53 -2.88
C20 P33 J . -7.97 -1.64 -1.64
O19 P33 J . -6.98 -1.94 -0.65
C18 P33 J . -6.77 -0.89 0.30
C17 P33 J . -5.59 -1.19 1.22
O16 P33 J . -4.89 0.01 1.59
C15 P33 J . -3.57 0.19 1.03
C14 P33 J . -3.65 0.92 -0.31
O13 P33 J . -2.79 2.05 -0.39
C12 P33 J . -3.31 3.27 0.12
C11 P33 J . -3.63 4.26 -1.00
O10 P33 J . -3.87 5.55 -0.43
C9 P33 J . -5.21 6.07 -0.56
C8 P33 J . -5.63 6.85 0.69
O7 P33 J . -6.54 7.90 0.35
C6 P33 J . -6.98 8.64 1.50
C5 P33 J . -7.14 10.13 1.19
O4 P33 J . -5.99 10.81 1.72
C3 P33 J . -6.06 12.24 1.75
C2 P33 J . -5.01 12.85 0.82
O1 P33 J . -3.77 13.00 1.48
N1 389 K . 23.22 -37.21 2.66
C2 389 K . 24.18 -36.67 3.68
C3 389 K . 24.51 -35.22 3.39
C4 389 K . 23.59 -36.84 5.08
O5 389 K . 22.38 -36.98 5.23
N6 389 K . 24.47 -36.87 6.07
C7 389 K . 24.09 -36.97 7.48
C8 389 K . 24.42 -38.36 8.09
C9 389 K . 23.47 -39.45 7.56
C10 389 K . 25.89 -38.74 7.86
C11 389 K . 24.85 -35.89 8.27
O12 389 K . 25.93 -35.46 7.85
N13 389 K . 24.28 -35.45 9.39
C14 389 K . 25.02 -34.51 10.24
C15 389 K . 23.98 -34.09 11.29
C16 389 K . 22.96 -35.15 11.30
C17 389 K . 22.95 -35.76 9.93
C18 389 K . 26.25 -35.17 10.87
O19 389 K . 26.26 -36.40 11.04
C20 389 K . 28.52 -35.03 11.69
N21 389 K . 27.29 -34.41 11.20
C22 389 K . 29.56 -34.05 12.20
C23 389 K . 30.63 -34.84 12.87
C24 389 K . 31.62 -35.47 12.13
C25 389 K . 32.61 -36.20 12.80
C26 389 K . 32.59 -36.30 14.18
C27 389 K . 31.60 -35.67 14.91
C28 389 K . 30.61 -34.94 14.26
C29 389 K . 30.11 -33.12 11.16
C30 389 K . 29.95 -33.34 9.79
C31 389 K . 30.46 -32.42 8.88
C32 389 K . 31.13 -31.28 9.31
C33 389 K . 31.29 -31.07 10.68
C34 389 K . 30.78 -31.98 11.60
ZN ZN L . 22.63 -23.23 7.05
#